data_5DHM
#
_entry.id   5DHM
#
_cell.length_a   54.683
_cell.length_b   84.536
_cell.length_c   138.364
_cell.angle_alpha   90.00
_cell.angle_beta   90.00
_cell.angle_gamma   90.00
#
_symmetry.space_group_name_H-M   'P 21 21 21'
#
loop_
_entity.id
_entity.type
_entity.pdbx_description
1 polymer 'Immunoreactive 32 kDa antigen'
2 polymer 'Immunoreactive 32 kDa antigen'
3 water water
#
loop_
_entity_poly.entity_id
_entity_poly.type
_entity_poly.pdbx_seq_one_letter_code
_entity_poly.pdbx_strand_id
1 'polypeptide(L)' (MSE)KHHHHHHP(MSE)SDYDIPTTENLYFQGA(MSE)EPVEDRSIEISIRVDDFTKTGETVRY A,B
2 'polypeptide(L)'
;ERNQGSAAERLITNLYLLLFDQSGANPAKYYIAGNTFSGGIWLPDD(MSE)KVKLD(MSE)TQSEAGERKVYVVANVDNA
VKTALDAVANESDLQTVKRTTA(MSE)PWSTDIASPFL(MSE)SGNKTHDFLANRLLDNVPLVRAIAKVELNISLSEKFQ
IVPIIVNGSLSEFKFRYVNFDKETYVVKPTTKPDNLISSANGVWPQITDWTVWGASLNTSPAPDAGTGYTLDANGKVTAL
RIVTYLNERDSKGATVEVALPRVDDGTLPPPEFGPELYRLPLPDKILRNHWYKYEVEI
;
C,D
#
# COMPACT_ATOMS: atom_id res chain seq x y z
N ALA A 26 -39.75 27.67 -34.03
CA ALA A 26 -38.35 28.10 -34.08
C ALA A 26 -37.50 27.07 -34.79
N GLU A 28 -34.29 25.10 -36.14
CA GLU A 28 -32.96 24.75 -35.70
C GLU A 28 -32.03 24.74 -36.91
N PRO A 29 -30.71 24.75 -36.67
CA PRO A 29 -29.76 24.66 -37.79
C PRO A 29 -29.89 23.35 -38.57
N VAL A 30 -29.56 23.42 -39.85
CA VAL A 30 -29.44 22.19 -40.63
C VAL A 30 -28.58 21.16 -39.89
N GLU A 31 -29.07 19.93 -39.83
CA GLU A 31 -28.34 18.86 -39.15
C GLU A 31 -27.17 18.37 -39.99
N ASP A 32 -26.29 19.29 -40.33
CA ASP A 32 -25.04 18.94 -41.00
C ASP A 32 -23.94 19.80 -40.39
N ARG A 33 -23.64 19.54 -39.11
CA ARG A 33 -22.83 20.46 -38.32
C ARG A 33 -21.35 20.08 -38.37
N SER A 34 -20.49 21.02 -38.05
CA SER A 34 -19.08 20.72 -37.85
C SER A 34 -18.96 19.71 -36.72
N ILE A 35 -18.03 18.77 -36.83
CA ILE A 35 -17.96 17.64 -35.93
C ILE A 35 -17.05 17.99 -34.76
N GLU A 36 -17.18 17.20 -33.72
CA GLU A 36 -16.50 17.45 -32.46
C GLU A 36 -16.08 16.12 -31.94
N ILE A 37 -14.92 16.07 -31.28
CA ILE A 37 -14.46 14.82 -30.72
C ILE A 37 -14.04 15.07 -29.29
N SER A 38 -14.76 14.43 -28.38
CA SER A 38 -14.42 14.44 -26.98
C SER A 38 -13.25 13.48 -26.74
N ILE A 39 -12.30 13.90 -25.91
CA ILE A 39 -11.12 13.12 -25.64
C ILE A 39 -10.94 13.05 -24.13
N ARG A 40 -10.71 11.87 -23.57
CA ARG A 40 -10.36 11.79 -22.15
C ARG A 40 -9.08 10.99 -21.95
N VAL A 41 -8.26 11.44 -21.02
CA VAL A 41 -7.02 10.74 -20.71
C VAL A 41 -7.38 9.57 -19.80
N ASP A 42 -7.06 8.37 -20.28
CA ASP A 42 -7.43 7.14 -19.59
C ASP A 42 -6.52 6.95 -18.37
N ASP A 43 -7.13 6.75 -17.21
CA ASP A 43 -6.39 6.45 -15.97
C ASP A 43 -5.41 5.31 -16.16
N PHE A 44 -4.27 5.37 -15.48
CA PHE A 44 -3.42 4.19 -15.29
C PHE A 44 -4.25 3.05 -14.77
N THR A 45 -3.89 1.82 -15.14
CA THR A 45 -4.32 0.65 -14.41
C THR A 45 -3.18 0.33 -13.46
N LYS A 46 -3.42 0.43 -12.16
CA LYS A 46 -2.36 0.35 -11.17
C LYS A 46 -2.51 -0.94 -10.40
N THR A 47 -1.42 -1.69 -10.33
CA THR A 47 -1.43 -2.98 -9.69
C THR A 47 -0.39 -2.96 -8.57
N GLY A 48 -0.68 -3.68 -7.50
CA GLY A 48 0.22 -3.78 -6.37
C GLY A 48 0.60 -5.22 -6.11
N GLU A 49 1.85 -5.42 -5.71
CA GLU A 49 2.33 -6.75 -5.44
C GLU A 49 3.38 -6.69 -4.31
N THR A 50 3.30 -7.64 -3.40
CA THR A 50 4.32 -7.77 -2.35
C THR A 50 5.26 -8.90 -2.73
N VAL A 51 6.56 -8.64 -2.63
CA VAL A 51 7.59 -9.63 -2.93
C VAL A 51 8.61 -9.67 -1.79
N ARG A 52 9.09 -10.84 -1.42
CA ARG A 52 10.11 -10.94 -0.37
C ARG A 52 11.28 -11.83 -0.81
N TYR A 53 12.45 -11.62 -0.20
CA TYR A 53 13.69 -12.31 -0.61
C TYR A 53 14.34 -13.14 0.50
N GLU B 1 -6.41 -0.96 -9.42
CA GLU B 1 -7.15 0.30 -9.28
C GLU B 1 -6.92 1.13 -10.52
N ARG B 2 -7.86 2.05 -10.76
CA ARG B 2 -7.67 3.06 -11.79
C ARG B 2 -7.23 4.33 -11.07
N ASN B 3 -6.14 4.92 -11.53
CA ASN B 3 -5.48 6.03 -10.84
C ASN B 3 -5.15 7.09 -11.89
N GLN B 4 -5.63 8.31 -11.70
CA GLN B 4 -5.47 9.34 -12.73
C GLN B 4 -4.04 9.89 -12.82
N GLY B 5 -3.19 9.53 -11.87
CA GLY B 5 -1.82 10.00 -11.93
C GLY B 5 -1.70 11.50 -11.68
N SER B 6 -0.55 12.07 -12.04
CA SER B 6 -0.30 13.51 -11.85
C SER B 6 -0.72 14.35 -13.05
N ALA B 7 -0.74 15.67 -12.88
CA ALA B 7 -0.99 16.58 -14.00
C ALA B 7 0.04 16.39 -15.12
N ALA B 8 1.30 16.18 -14.75
CA ALA B 8 2.34 15.95 -15.74
C ALA B 8 2.06 14.69 -16.53
N GLU B 9 1.54 13.66 -15.87
CA GLU B 9 1.26 12.39 -16.55
C GLU B 9 0.08 12.55 -17.52
N ARG B 10 -0.76 13.56 -17.27
CA ARG B 10 -1.96 13.79 -18.09
C ARG B 10 -1.81 14.91 -19.14
N LEU B 11 -0.69 15.61 -19.11
CA LEU B 11 -0.44 16.79 -19.95
C LEU B 11 -0.56 16.47 -21.43
N ILE B 12 -1.37 17.27 -22.12
CA ILE B 12 -1.51 17.23 -23.57
C ILE B 12 -0.94 18.53 -24.14
N THR B 13 0.10 18.42 -24.99
CA THR B 13 0.77 19.60 -25.58
C THR B 13 0.52 19.76 -27.09
N ASN B 14 0.05 18.69 -27.72
CA ASN B 14 -0.47 18.74 -29.10
C ASN B 14 -1.32 17.51 -29.39
N LEU B 15 -2.01 17.52 -30.53
CA LEU B 15 -2.86 16.40 -30.89
C LEU B 15 -2.77 16.15 -32.40
N TYR B 16 -2.92 14.89 -32.78
CA TYR B 16 -3.00 14.53 -34.19
C TYR B 16 -4.17 13.57 -34.36
N LEU B 17 -5.14 13.94 -35.19
CA LEU B 17 -6.32 13.10 -35.39
C LEU B 17 -6.27 12.51 -36.79
N LEU B 18 -6.66 11.24 -36.89
CA LEU B 18 -6.80 10.55 -38.17
C LEU B 18 -8.16 9.91 -38.23
N LEU B 19 -8.93 10.31 -39.23
CA LEU B 19 -10.30 9.83 -39.38
C LEU B 19 -10.37 8.94 -40.61
N PHE B 20 -10.29 7.64 -40.38
CA PHE B 20 -10.37 6.67 -41.46
C PHE B 20 -11.81 6.44 -41.86
N ASP B 21 -12.08 6.19 -43.14
CA ASP B 21 -13.42 5.84 -43.56
C ASP B 21 -13.59 4.34 -43.41
N GLN B 22 -14.64 3.80 -44.02
CA GLN B 22 -15.04 2.41 -43.84
C GLN B 22 -13.91 1.41 -44.10
N SER B 23 -13.21 1.61 -45.21
CA SER B 23 -12.18 0.69 -45.67
C SER B 23 -10.85 0.82 -44.92
N GLY B 24 -10.85 1.58 -43.82
CA GLY B 24 -9.63 1.79 -43.06
C GLY B 24 -8.53 2.44 -43.87
N ALA B 25 -8.92 3.23 -44.87
CA ALA B 25 -7.98 4.00 -45.69
C ALA B 25 -8.46 5.46 -45.82
N ASN B 26 -7.76 6.22 -46.66
CA ASN B 26 -8.10 7.63 -46.93
C ASN B 26 -8.34 8.45 -45.67
N PRO B 27 -7.42 8.39 -44.70
CA PRO B 27 -7.74 9.11 -43.46
C PRO B 27 -7.65 10.62 -43.61
N ALA B 28 -8.68 11.31 -43.15
CA ALA B 28 -8.60 12.74 -42.95
C ALA B 28 -7.70 13.02 -41.76
N LYS B 29 -6.77 13.94 -41.94
CA LYS B 29 -5.76 14.23 -40.94
C LYS B 29 -5.90 15.65 -40.42
N TYR B 30 -5.74 15.80 -39.10
CA TYR B 30 -5.74 17.09 -38.44
C TYR B 30 -4.67 17.14 -37.37
N TYR B 31 -3.65 17.93 -37.60
CA TYR B 31 -2.65 18.21 -36.57
C TYR B 31 -3.03 19.50 -35.88
N ILE B 32 -3.19 19.41 -34.56
CA ILE B 32 -3.55 20.56 -33.75
C ILE B 32 -2.31 20.89 -32.98
N ALA B 33 -1.67 21.95 -33.46
CA ALA B 33 -0.32 22.28 -33.06
C ALA B 33 -0.28 22.90 -31.67
N GLY B 34 0.75 22.54 -30.91
CA GLY B 34 0.95 23.10 -29.58
C GLY B 34 1.05 24.62 -29.54
N ASN B 35 1.61 25.24 -30.57
CA ASN B 35 1.69 26.70 -30.61
C ASN B 35 0.31 27.36 -30.83
N THR B 36 -0.73 26.58 -31.11
CA THR B 36 -2.09 27.16 -31.15
C THR B 36 -2.80 27.03 -29.80
N PHE B 37 -2.19 26.33 -28.85
CA PHE B 37 -2.79 26.10 -27.53
C PHE B 37 -2.79 27.37 -26.70
N ILE B 41 -9.60 23.03 -33.46
CA ILE B 41 -9.19 23.67 -32.22
C ILE B 41 -9.31 22.69 -31.07
N TRP B 42 -8.41 22.82 -30.09
CA TRP B 42 -8.42 22.00 -28.89
C TRP B 42 -8.99 22.80 -27.74
N LEU B 43 -9.98 22.24 -27.05
CA LEU B 43 -10.61 22.92 -25.92
C LEU B 43 -10.30 22.10 -24.68
N PRO B 44 -9.12 22.31 -24.11
CA PRO B 44 -8.78 21.51 -22.92
C PRO B 44 -9.83 21.62 -21.81
N ASP B 45 -10.51 22.75 -21.71
CA ASP B 45 -11.43 22.96 -20.59
C ASP B 45 -12.76 22.25 -20.87
N ASP B 46 -12.94 21.75 -22.09
CA ASP B 46 -14.09 20.92 -22.47
C ASP B 46 -13.63 19.50 -22.79
N LYS B 48 -12.32 18.62 -25.51
CA LYS B 48 -12.97 18.48 -26.82
C LYS B 48 -12.20 19.14 -27.97
N VAL B 49 -12.12 18.41 -29.09
CA VAL B 49 -11.63 18.96 -30.34
C VAL B 49 -12.78 19.30 -31.26
N LYS B 50 -12.73 20.49 -31.83
CA LYS B 50 -13.69 20.89 -32.86
C LYS B 50 -13.01 20.95 -34.21
N LEU B 51 -13.57 20.25 -35.18
CA LEU B 51 -13.06 20.23 -36.55
C LEU B 51 -14.03 20.93 -37.50
N ASP B 52 -13.55 21.39 -38.65
CA ASP B 52 -14.42 22.07 -39.63
C ASP B 52 -15.05 21.11 -40.63
N THR B 54 -17.74 18.54 -41.75
CA THR B 54 -19.14 18.48 -41.39
C THR B 54 -19.61 17.02 -41.25
N GLN B 55 -20.80 16.84 -40.70
CA GLN B 55 -21.32 15.51 -40.47
C GLN B 55 -21.36 14.71 -41.78
N SER B 56 -21.88 15.33 -42.84
CA SER B 56 -22.02 14.64 -44.11
C SER B 56 -20.68 14.29 -44.75
N GLU B 57 -19.67 15.12 -44.52
CA GLU B 57 -18.32 14.85 -45.02
C GLU B 57 -17.70 13.70 -44.24
N ALA B 58 -17.98 13.66 -42.96
CA ALA B 58 -17.36 12.68 -42.08
C ALA B 58 -17.99 11.30 -42.27
N GLY B 59 -19.30 11.25 -42.19
CA GLY B 59 -19.99 9.98 -42.18
C GLY B 59 -19.53 9.11 -41.03
N GLU B 60 -19.37 7.82 -41.30
CA GLU B 60 -18.79 6.90 -40.30
C GLU B 60 -17.26 6.87 -40.40
N ARG B 61 -16.59 7.06 -39.27
CA ARG B 61 -15.13 7.11 -39.26
C ARG B 61 -14.55 6.26 -38.14
N LYS B 62 -13.40 5.64 -38.42
CA LYS B 62 -12.52 5.08 -37.37
C LYS B 62 -11.61 6.20 -36.95
N VAL B 63 -11.88 6.79 -35.78
CA VAL B 63 -11.16 7.97 -35.33
C VAL B 63 -10.03 7.58 -34.40
N TYR B 64 -8.81 7.93 -34.80
CA TYR B 64 -7.62 7.79 -33.96
C TYR B 64 -7.17 9.15 -33.49
N VAL B 65 -6.76 9.24 -32.23
CA VAL B 65 -6.18 10.46 -31.68
C VAL B 65 -4.84 10.09 -31.09
N VAL B 66 -3.82 10.86 -31.45
CA VAL B 66 -2.46 10.69 -30.92
C VAL B 66 -2.08 11.98 -30.23
N ALA B 67 -1.53 11.91 -29.02
CA ALA B 67 -1.17 13.14 -28.32
C ALA B 67 0.30 13.19 -28.04
N ASN B 68 0.82 14.40 -28.02
CA ASN B 68 2.23 14.66 -27.70
C ASN B 68 3.21 14.02 -28.67
N VAL B 69 3.01 14.30 -29.96
CA VAL B 69 3.91 13.81 -30.95
C VAL B 69 5.10 14.75 -31.02
N ASP B 70 6.21 14.26 -31.54
CA ASP B 70 7.31 15.15 -31.92
C ASP B 70 7.32 15.20 -33.44
N ASN B 71 8.26 15.92 -34.02
CA ASN B 71 8.22 16.18 -35.45
C ASN B 71 8.43 14.90 -36.25
N ALA B 72 9.29 14.02 -35.76
CA ALA B 72 9.53 12.73 -36.40
C ALA B 72 8.27 11.90 -36.45
N VAL B 73 7.62 11.73 -35.30
CA VAL B 73 6.38 10.98 -35.24
C VAL B 73 5.30 11.68 -36.10
N LYS B 74 5.24 13.01 -36.03
CA LYS B 74 4.22 13.72 -36.81
C LYS B 74 4.38 13.43 -38.30
N THR B 75 5.61 13.54 -38.78
CA THR B 75 5.85 13.37 -40.20
C THR B 75 5.50 11.96 -40.66
N ALA B 76 5.78 10.97 -39.81
CA ALA B 76 5.36 9.59 -40.06
C ALA B 76 3.82 9.50 -40.15
N LEU B 77 3.14 10.21 -39.28
CA LEU B 77 1.68 10.21 -39.27
C LEU B 77 1.15 10.92 -40.51
N ASP B 78 1.85 11.96 -40.96
CA ASP B 78 1.51 12.61 -42.21
C ASP B 78 1.52 11.66 -43.42
N ALA B 79 2.32 10.59 -43.36
CA ALA B 79 2.47 9.64 -44.46
C ALA B 79 1.58 8.40 -44.31
N VAL B 80 0.86 8.31 -43.21
CA VAL B 80 0.02 7.13 -42.95
C VAL B 80 -1.07 7.04 -44.02
N ALA B 81 -1.24 5.85 -44.61
CA ALA B 81 -2.28 5.63 -45.61
C ALA B 81 -3.36 4.68 -45.10
N ASN B 82 -2.95 3.72 -44.26
CA ASN B 82 -3.85 2.68 -43.78
C ASN B 82 -3.75 2.55 -42.27
N GLU B 83 -4.82 2.02 -41.68
CA GLU B 83 -4.92 1.85 -40.24
C GLU B 83 -3.70 1.11 -39.70
N SER B 84 -3.28 0.09 -40.43
CA SER B 84 -2.19 -0.76 -39.98
C SER B 84 -0.88 0.03 -39.91
N ASP B 85 -0.79 1.10 -40.70
CA ASP B 85 0.45 1.88 -40.73
C ASP B 85 0.77 2.46 -39.37
N LEU B 86 -0.27 2.67 -38.56
CA LEU B 86 -0.10 3.29 -37.26
C LEU B 86 0.75 2.42 -36.36
N GLN B 87 0.74 1.12 -36.64
CA GLN B 87 1.42 0.13 -35.82
C GLN B 87 2.89 0.01 -36.23
N THR B 88 3.31 0.87 -37.15
CA THR B 88 4.71 0.92 -37.58
C THR B 88 5.35 2.26 -37.20
N VAL B 89 4.59 3.13 -36.56
CA VAL B 89 5.12 4.45 -36.21
C VAL B 89 5.61 4.39 -34.79
N LYS B 90 6.89 4.70 -34.60
CA LYS B 90 7.49 4.55 -33.29
C LYS B 90 8.57 5.57 -33.03
N ARG B 91 8.75 5.91 -31.75
CA ARG B 91 9.84 6.77 -31.32
C ARG B 91 10.89 5.93 -30.58
N THR B 92 12.16 6.15 -30.88
CA THR B 92 13.25 5.44 -30.20
C THR B 92 13.90 6.31 -29.11
N THR B 93 14.17 5.71 -27.96
CA THR B 93 14.86 6.40 -26.88
C THR B 93 16.08 5.58 -26.51
N ALA B 94 17.26 6.17 -26.66
CA ALA B 94 18.55 5.50 -26.39
C ALA B 94 18.65 4.87 -25.01
N PRO B 96 15.90 4.12 -22.44
CA PRO B 96 14.43 4.13 -22.29
C PRO B 96 13.94 3.87 -20.86
N TRP B 97 14.23 4.84 -19.99
CA TRP B 97 13.79 4.84 -18.61
C TRP B 97 13.84 6.29 -18.14
N SER B 98 13.49 6.54 -16.89
CA SER B 98 13.45 7.91 -16.41
C SER B 98 14.89 8.41 -16.26
N THR B 99 15.20 9.68 -16.57
CA THR B 99 14.23 10.69 -17.01
C THR B 99 14.19 10.97 -18.51
N ASP B 100 14.89 10.17 -19.32
CA ASP B 100 14.81 10.38 -20.77
C ASP B 100 13.40 10.09 -21.31
N ILE B 101 12.67 9.23 -20.61
CA ILE B 101 11.24 9.11 -20.83
C ILE B 101 10.59 9.95 -19.74
N ALA B 102 9.90 11.01 -20.13
CA ALA B 102 9.30 11.95 -19.19
C ALA B 102 8.11 12.65 -19.86
N SER B 103 7.32 13.37 -19.07
CA SER B 103 6.22 14.20 -19.59
C SER B 103 6.72 15.24 -20.60
N PRO B 104 5.96 15.49 -21.69
CA PRO B 104 4.67 14.90 -22.10
C PRO B 104 4.80 13.53 -22.74
N PHE B 105 3.90 12.62 -22.37
CA PHE B 105 3.94 11.25 -22.83
C PHE B 105 3.11 11.07 -24.07
N LEU B 106 3.64 10.31 -25.00
CA LEU B 106 2.90 9.90 -26.18
C LEU B 106 1.68 9.11 -25.76
N SER B 108 -2.21 7.37 -27.42
CA SER B 108 -3.11 7.14 -28.54
C SER B 108 -4.42 6.51 -28.10
N GLY B 109 -5.45 6.69 -28.91
CA GLY B 109 -6.71 6.01 -28.66
C GLY B 109 -7.53 6.04 -29.91
N ASN B 110 -8.59 5.26 -29.94
CA ASN B 110 -9.50 5.29 -31.08
C ASN B 110 -10.92 4.91 -30.74
N LYS B 111 -11.85 5.36 -31.56
CA LYS B 111 -13.22 4.91 -31.49
C LYS B 111 -13.84 5.03 -32.86
N THR B 112 -14.73 4.11 -33.19
CA THR B 112 -15.53 4.20 -34.41
C THR B 112 -16.82 4.92 -34.10
N HIS B 113 -17.26 5.78 -35.02
CA HIS B 113 -18.37 6.67 -34.75
C HIS B 113 -19.00 7.12 -36.04
N ASP B 114 -20.33 7.15 -36.01
CA ASP B 114 -21.13 7.64 -37.10
C ASP B 114 -21.53 9.09 -36.86
N PHE B 115 -20.88 10.01 -37.56
CA PHE B 115 -21.10 11.43 -37.36
C PHE B 115 -22.40 11.93 -37.99
N LEU B 116 -22.96 11.12 -38.87
CA LEU B 116 -24.30 11.43 -39.39
C LEU B 116 -25.33 11.36 -38.28
N ALA B 117 -25.09 10.43 -37.35
CA ALA B 117 -26.01 10.17 -36.25
C ALA B 117 -25.85 11.19 -35.14
N ASN B 118 -24.62 11.62 -34.90
CA ASN B 118 -24.32 12.56 -33.84
C ASN B 118 -23.03 13.29 -34.18
N ARG B 119 -23.09 14.61 -34.20
CA ARG B 119 -21.94 15.42 -34.60
C ARG B 119 -20.77 15.23 -33.61
N LEU B 120 -21.09 14.80 -32.40
CA LEU B 120 -20.10 14.60 -31.32
C LEU B 120 -19.79 13.16 -31.14
N LEU B 121 -18.50 12.83 -31.25
CA LEU B 121 -17.97 11.56 -30.77
C LEU B 121 -17.62 11.66 -29.28
N ASP B 122 -18.35 10.93 -28.45
CA ASP B 122 -18.11 10.88 -27.00
C ASP B 122 -17.89 9.41 -26.61
N ASN B 123 -16.65 8.98 -26.38
CA ASN B 123 -15.44 9.77 -26.50
C ASN B 123 -14.27 8.87 -26.89
N VAL B 124 -13.12 9.47 -27.12
CA VAL B 124 -11.92 8.73 -27.44
C VAL B 124 -11.02 8.64 -26.20
N PRO B 125 -10.87 7.44 -25.65
CA PRO B 125 -9.96 7.27 -24.51
C PRO B 125 -8.51 7.28 -24.94
N LEU B 126 -7.75 8.24 -24.43
CA LEU B 126 -6.35 8.41 -24.78
C LEU B 126 -5.47 7.66 -23.81
N VAL B 127 -4.75 6.67 -24.31
CA VAL B 127 -4.00 5.72 -23.50
C VAL B 127 -2.51 5.97 -23.65
N ARG B 128 -1.84 6.31 -22.55
CA ARG B 128 -0.40 6.47 -22.61
C ARG B 128 0.31 5.24 -23.19
N ALA B 129 1.38 5.49 -23.95
CA ALA B 129 2.09 4.44 -24.67
C ALA B 129 3.20 3.82 -23.82
N ILE B 130 3.52 4.47 -22.71
CA ILE B 130 4.52 3.95 -21.78
C ILE B 130 3.86 3.40 -20.52
N ALA B 131 4.68 2.72 -19.71
CA ALA B 131 4.28 2.17 -18.42
C ALA B 131 5.12 2.75 -17.31
N LYS B 132 4.78 2.39 -16.08
CA LYS B 132 5.47 2.90 -14.91
C LYS B 132 5.70 1.78 -13.92
N VAL B 133 6.89 1.80 -13.31
CA VAL B 133 7.30 0.81 -12.33
C VAL B 133 7.75 1.53 -11.06
N GLU B 134 7.21 1.10 -9.93
CA GLU B 134 7.49 1.68 -8.63
C GLU B 134 7.91 0.57 -7.64
N LEU B 135 9.16 0.63 -7.17
CA LEU B 135 9.65 -0.26 -6.10
C LEU B 135 9.83 0.48 -4.79
N ASN B 136 9.16 -0.01 -3.75
CA ASN B 136 9.35 0.46 -2.39
C ASN B 136 10.01 -0.66 -1.62
N ILE B 137 11.30 -0.51 -1.37
CA ILE B 137 12.08 -1.54 -0.70
C ILE B 137 12.22 -1.26 0.79
N SER B 138 11.77 -2.21 1.62
CA SER B 138 11.97 -2.14 3.05
C SER B 138 13.18 -3.00 3.38
N LEU B 139 14.16 -2.39 4.04
CA LEU B 139 15.42 -3.06 4.34
C LEU B 139 15.37 -3.72 5.70
N SER B 140 15.76 -4.98 5.73
CA SER B 140 15.89 -5.72 6.98
C SER B 140 17.12 -5.23 7.73
N GLU B 141 17.25 -5.65 8.98
CA GLU B 141 18.26 -5.09 9.88
C GLU B 141 19.69 -5.13 9.34
N LYS B 142 20.03 -6.19 8.62
CA LYS B 142 21.42 -6.39 8.16
C LYS B 142 21.83 -5.33 7.13
N PHE B 143 20.86 -4.65 6.54
CA PHE B 143 21.15 -3.58 5.59
C PHE B 143 20.93 -2.19 6.17
N GLN B 144 20.43 -2.11 7.40
CA GLN B 144 20.19 -0.80 7.99
C GLN B 144 21.49 -0.25 8.56
N ILE B 145 22.32 0.28 7.67
CA ILE B 145 23.61 0.85 8.02
C ILE B 145 23.59 2.35 7.89
N VAL B 146 24.58 3.01 8.48
CA VAL B 146 24.83 4.42 8.22
C VAL B 146 25.52 4.49 6.86
N PRO B 147 24.83 5.06 5.86
CA PRO B 147 25.36 4.98 4.50
C PRO B 147 26.41 6.03 4.21
N ILE B 148 27.32 5.70 3.30
CA ILE B 148 28.21 6.69 2.73
C ILE B 148 27.38 7.48 1.75
N ILE B 149 27.24 8.78 1.99
CA ILE B 149 26.46 9.64 1.12
C ILE B 149 27.37 10.64 0.46
N VAL B 150 27.21 10.77 -0.85
CA VAL B 150 27.99 11.69 -1.66
C VAL B 150 27.06 12.51 -2.53
N ASN B 151 27.00 13.81 -2.28
CA ASN B 151 26.10 14.69 -3.04
C ASN B 151 24.65 14.20 -2.98
N GLY B 152 24.28 13.60 -1.86
CA GLY B 152 22.92 13.13 -1.64
C GLY B 152 22.69 11.68 -2.05
N SER B 153 23.60 11.13 -2.84
CA SER B 153 23.46 9.78 -3.33
C SER B 153 24.12 8.75 -2.41
N LEU B 154 23.61 7.52 -2.45
CA LEU B 154 24.14 6.43 -1.64
C LEU B 154 25.20 5.62 -2.40
N SER B 155 26.48 5.85 -2.11
CA SER B 155 27.57 5.26 -2.89
C SER B 155 27.53 3.72 -2.92
N GLU B 156 26.99 3.13 -1.87
CA GLU B 156 27.06 1.69 -1.63
C GLU B 156 25.82 0.94 -2.11
N PHE B 157 24.77 1.69 -2.42
CA PHE B 157 23.51 1.13 -2.92
C PHE B 157 23.38 1.47 -4.39
N LYS B 158 23.16 0.45 -5.22
CA LYS B 158 23.19 0.65 -6.67
C LYS B 158 22.09 -0.15 -7.36
N PHE B 159 21.76 0.25 -8.59
CA PHE B 159 20.76 -0.44 -9.38
C PHE B 159 21.04 -0.45 -10.89
N ARG B 160 20.38 -1.35 -11.60
CA ARG B 160 20.39 -1.28 -13.05
C ARG B 160 19.08 -1.80 -13.59
N TYR B 161 18.71 -1.28 -14.77
CA TYR B 161 17.57 -1.76 -15.52
C TYR B 161 18.07 -2.75 -16.55
N VAL B 162 17.44 -3.92 -16.66
CA VAL B 162 17.89 -4.93 -17.59
C VAL B 162 16.78 -5.24 -18.61
N ASN B 163 17.16 -5.27 -19.88
CA ASN B 163 16.25 -5.66 -20.96
C ASN B 163 14.99 -4.79 -21.05
N PHE B 164 15.20 -3.49 -20.99
CA PHE B 164 14.14 -2.52 -21.27
C PHE B 164 14.06 -2.23 -22.78
N ASP B 165 12.85 -2.07 -23.30
CA ASP B 165 12.69 -1.81 -24.74
C ASP B 165 12.85 -0.33 -25.10
N LYS B 166 13.55 -0.10 -26.21
CA LYS B 166 13.86 1.24 -26.67
C LYS B 166 12.76 1.91 -27.46
N GLU B 167 11.80 1.14 -27.95
CA GLU B 167 10.76 1.68 -28.84
C GLU B 167 9.48 2.06 -28.12
N THR B 168 8.95 3.21 -28.50
CA THR B 168 7.60 3.58 -28.13
C THR B 168 6.69 3.63 -29.36
N TYR B 169 5.85 2.60 -29.56
CA TYR B 169 4.94 2.57 -30.70
C TYR B 169 3.71 3.44 -30.46
N VAL B 170 3.23 4.12 -31.51
CA VAL B 170 2.01 4.91 -31.40
C VAL B 170 0.83 3.98 -31.09
N VAL B 171 0.74 2.91 -31.87
CA VAL B 171 -0.19 1.83 -31.61
C VAL B 171 0.59 0.54 -31.54
N LYS B 172 0.36 -0.24 -30.50
CA LYS B 172 1.14 -1.46 -30.31
C LYS B 172 0.88 -2.46 -31.45
N PRO B 173 1.96 -2.97 -32.06
CA PRO B 173 1.75 -4.05 -33.04
C PRO B 173 1.07 -5.23 -32.40
N THR B 174 0.56 -6.15 -33.21
CA THR B 174 -0.13 -7.31 -32.68
C THR B 174 0.78 -8.03 -31.68
N THR B 175 2.03 -8.19 -32.06
CA THR B 175 3.06 -8.75 -31.17
C THR B 175 4.26 -7.84 -31.33
N LYS B 176 4.50 -7.02 -30.32
CA LYS B 176 5.59 -6.05 -30.38
C LYS B 176 6.94 -6.76 -30.43
N PRO B 177 7.76 -6.44 -31.45
CA PRO B 177 9.11 -7.01 -31.51
C PRO B 177 10.06 -6.37 -30.50
N ASP B 178 11.26 -6.90 -30.39
CA ASP B 178 12.21 -6.47 -29.36
C ASP B 178 13.30 -5.55 -29.90
N ASN B 179 13.56 -4.49 -29.15
CA ASN B 179 14.77 -3.70 -29.32
C ASN B 179 15.27 -3.33 -27.92
N LEU B 180 16.14 -4.18 -27.36
CA LEU B 180 16.46 -4.13 -25.92
C LEU B 180 17.80 -3.50 -25.58
N ILE B 181 17.85 -2.96 -24.37
CA ILE B 181 19.07 -2.41 -23.83
C ILE B 181 18.99 -2.44 -22.30
N SER B 182 20.15 -2.45 -21.66
CA SER B 182 20.25 -2.38 -20.21
C SER B 182 21.05 -1.15 -19.83
N SER B 183 20.82 -0.64 -18.63
CA SER B 183 21.44 0.62 -18.20
C SER B 183 22.87 0.40 -17.73
N ALA B 184 23.24 -0.84 -17.51
CA ALA B 184 24.58 -1.18 -17.04
C ALA B 184 24.83 -2.65 -17.29
N ASN B 185 26.10 -3.02 -17.45
CA ASN B 185 26.44 -4.39 -17.76
C ASN B 185 27.62 -4.90 -16.96
N GLY B 186 28.09 -4.09 -16.01
CA GLY B 186 29.18 -4.48 -15.14
C GLY B 186 28.85 -5.71 -14.33
N VAL B 187 29.80 -6.63 -14.26
CA VAL B 187 29.60 -7.89 -13.55
C VAL B 187 30.07 -7.78 -12.10
N TRP B 188 29.54 -8.67 -11.26
CA TRP B 188 29.95 -8.76 -9.87
C TRP B 188 31.44 -9.11 -9.81
N PRO B 189 32.18 -8.60 -8.80
CA PRO B 189 31.77 -7.77 -7.66
C PRO B 189 31.86 -6.27 -7.87
N GLN B 190 32.52 -5.81 -8.93
CA GLN B 190 32.79 -4.38 -9.11
C GLN B 190 31.53 -3.61 -9.51
N ILE B 191 30.73 -4.19 -10.39
CA ILE B 191 29.55 -3.54 -10.96
C ILE B 191 29.81 -2.05 -11.19
N THR B 192 30.86 -1.77 -11.97
CA THR B 192 31.43 -0.43 -12.03
C THR B 192 30.51 0.59 -12.68
N ASP B 193 29.64 0.14 -13.58
CA ASP B 193 28.82 1.08 -14.33
C ASP B 193 27.37 1.14 -13.85
N TRP B 194 27.04 0.39 -12.81
CA TRP B 194 25.71 0.48 -12.21
C TRP B 194 25.49 1.86 -11.62
N THR B 195 24.23 2.20 -11.40
CA THR B 195 23.88 3.55 -10.99
C THR B 195 23.71 3.64 -9.50
N VAL B 196 24.39 4.59 -8.87
CA VAL B 196 24.26 4.75 -7.43
C VAL B 196 22.86 5.27 -7.07
N TRP B 197 22.37 4.92 -5.89
CA TRP B 197 21.03 5.37 -5.47
C TRP B 197 20.96 6.89 -5.27
N GLY B 198 19.96 7.52 -5.88
CA GLY B 198 19.79 8.97 -5.78
C GLY B 198 18.82 9.42 -4.70
N ALA B 199 18.54 10.72 -4.64
CA ALA B 199 17.69 11.29 -3.60
C ALA B 199 16.62 12.24 -4.15
N SER B 200 16.41 12.21 -5.46
CA SER B 200 15.46 13.12 -6.10
C SER B 200 14.03 12.96 -5.58
N LEU B 201 13.73 11.81 -5.00
CA LEU B 201 12.38 11.55 -4.49
C LEU B 201 12.26 12.07 -3.06
N ASN B 202 13.38 12.45 -2.46
CA ASN B 202 13.37 12.89 -1.07
C ASN B 202 12.91 14.35 -0.92
N THR B 203 12.76 15.04 -2.05
CA THR B 203 12.29 16.43 -2.05
C THR B 203 10.81 16.47 -1.71
N SER B 204 10.27 17.66 -1.43
CA SER B 204 8.96 17.77 -0.79
C SER B 204 7.83 18.36 -1.64
N PRO B 205 8.10 18.70 -2.91
CA PRO B 205 6.97 18.55 -3.83
C PRO B 205 7.01 17.14 -4.41
N ALA B 206 8.23 16.61 -4.57
CA ALA B 206 8.49 15.24 -5.01
C ALA B 206 8.12 15.01 -6.48
N PRO B 207 9.13 14.74 -7.32
CA PRO B 207 8.76 14.48 -8.71
C PRO B 207 8.07 13.13 -8.87
N ASP B 208 7.63 12.84 -10.08
CA ASP B 208 6.85 11.66 -10.37
C ASP B 208 7.73 10.43 -10.49
N ALA B 209 8.98 10.66 -10.88
CA ALA B 209 9.95 9.58 -11.05
C ALA B 209 11.27 9.96 -10.40
N GLY B 210 12.07 8.95 -10.10
CA GLY B 210 13.40 9.17 -9.56
C GLY B 210 13.77 8.08 -8.59
N THR B 211 14.75 8.36 -7.74
CA THR B 211 15.10 7.45 -6.66
C THR B 211 15.16 8.21 -5.37
N GLY B 212 14.89 7.51 -4.29
CA GLY B 212 14.99 8.10 -2.97
C GLY B 212 15.22 7.05 -1.92
N TYR B 213 15.21 7.49 -0.69
CA TYR B 213 15.50 6.63 0.42
C TYR B 213 15.07 7.32 1.71
N THR B 214 14.97 6.54 2.78
CA THR B 214 14.58 7.04 4.08
C THR B 214 15.66 6.68 5.10
N LEU B 215 16.02 7.65 5.93
CA LEU B 215 16.96 7.41 7.03
C LEU B 215 16.21 7.50 8.35
N ASP B 216 16.60 6.68 9.33
CA ASP B 216 16.02 6.77 10.68
C ASP B 216 16.75 7.84 11.49
N ALA B 217 16.40 7.97 12.76
CA ALA B 217 17.01 8.98 13.62
C ALA B 217 18.50 8.71 13.85
N ASN B 218 18.89 7.44 13.81
CA ASN B 218 20.29 7.07 13.93
C ASN B 218 21.07 7.26 12.62
N GLY B 219 20.39 7.76 11.60
CA GLY B 219 21.02 8.01 10.32
C GLY B 219 21.19 6.76 9.49
N LYS B 220 20.54 5.67 9.91
CA LYS B 220 20.62 4.42 9.18
C LYS B 220 19.55 4.41 8.08
N VAL B 221 19.91 3.87 6.93
CA VAL B 221 18.94 3.74 5.83
C VAL B 221 18.01 2.56 6.14
N THR B 222 16.71 2.78 5.97
CA THR B 222 15.72 1.78 6.34
C THR B 222 14.80 1.44 5.17
N ALA B 223 14.75 2.33 4.18
CA ALA B 223 13.93 2.09 3.00
C ALA B 223 14.55 2.69 1.75
N LEU B 224 14.29 2.05 0.60
CA LEU B 224 14.69 2.60 -0.70
C LEU B 224 13.48 2.70 -1.63
N ARG B 225 13.51 3.66 -2.53
CA ARG B 225 12.42 3.87 -3.49
C ARG B 225 13.00 4.14 -4.87
N ILE B 226 12.38 3.53 -5.88
CA ILE B 226 12.74 3.84 -7.25
C ILE B 226 11.47 3.82 -8.08
N VAL B 227 11.31 4.85 -8.88
CA VAL B 227 10.19 4.97 -9.82
C VAL B 227 10.73 5.35 -11.18
N THR B 228 10.37 4.56 -12.20
CA THR B 228 10.79 4.84 -13.54
C THR B 228 9.65 4.59 -14.52
N TYR B 229 9.65 5.34 -15.61
CA TYR B 229 8.80 4.99 -16.76
C TYR B 229 9.57 4.01 -17.61
N LEU B 230 8.84 3.25 -18.43
CA LEU B 230 9.45 2.35 -19.39
C LEU B 230 8.48 1.99 -20.48
N ASN B 231 9.02 1.43 -21.55
CA ASN B 231 8.22 1.06 -22.69
C ASN B 231 7.56 -0.29 -22.51
N GLU B 232 6.45 -0.47 -23.18
CA GLU B 232 5.75 -1.75 -23.14
C GLU B 232 6.60 -2.87 -23.75
N ARG B 233 6.31 -4.10 -23.34
CA ARG B 233 6.93 -5.29 -23.90
C ARG B 233 5.89 -6.38 -23.97
N ASP B 234 5.85 -7.09 -25.09
CA ASP B 234 5.02 -8.28 -25.23
C ASP B 234 5.82 -9.54 -24.88
N SER B 235 7.10 -9.32 -24.60
CA SER B 235 8.01 -10.41 -24.34
C SER B 235 8.62 -10.30 -22.94
N LYS B 236 8.97 -11.45 -22.40
CA LYS B 236 9.52 -11.54 -21.06
C LYS B 236 11.02 -11.18 -20.96
N GLY B 237 11.40 -10.56 -19.84
CA GLY B 237 12.80 -10.43 -19.50
C GLY B 237 13.21 -9.14 -18.84
N ALA B 238 12.33 -8.15 -18.85
CA ALA B 238 12.64 -6.88 -18.22
C ALA B 238 12.81 -7.10 -16.72
N THR B 239 13.84 -6.48 -16.17
CA THR B 239 14.28 -6.78 -14.82
C THR B 239 14.78 -5.50 -14.20
N VAL B 240 14.60 -5.36 -12.90
CA VAL B 240 15.32 -4.38 -12.12
C VAL B 240 16.25 -5.15 -11.18
N GLU B 241 17.53 -4.78 -11.13
CA GLU B 241 18.47 -5.39 -10.19
C GLU B 241 18.99 -4.34 -9.22
N VAL B 242 19.26 -4.76 -7.97
CA VAL B 242 19.78 -3.85 -6.96
C VAL B 242 20.93 -4.50 -6.25
N ALA B 243 21.91 -3.67 -5.90
CA ALA B 243 23.08 -4.11 -5.17
C ALA B 243 23.06 -3.48 -3.79
N LEU B 244 23.12 -4.31 -2.75
CA LEU B 244 23.13 -3.83 -1.38
C LEU B 244 24.46 -4.17 -0.72
N PRO B 245 24.89 -3.35 0.24
CA PRO B 245 26.18 -3.59 0.90
C PRO B 245 26.20 -4.89 1.68
N ARG B 246 27.30 -5.64 1.61
CA ARG B 246 27.46 -6.82 2.43
C ARG B 246 28.33 -6.45 3.61
N GLY B 258 32.22 -8.39 -1.98
CA GLY B 258 31.29 -7.85 -2.95
C GLY B 258 29.88 -7.64 -2.41
N PRO B 259 29.07 -6.78 -3.08
CA PRO B 259 27.71 -6.48 -2.63
C PRO B 259 26.74 -7.63 -2.85
N GLU B 260 25.58 -7.56 -2.22
CA GLU B 260 24.54 -8.56 -2.41
C GLU B 260 23.64 -8.07 -3.51
N LEU B 261 23.43 -8.91 -4.52
CA LEU B 261 22.62 -8.56 -5.67
C LEU B 261 21.25 -9.23 -5.60
N TYR B 262 20.23 -8.43 -5.84
CA TYR B 262 18.86 -8.90 -5.82
C TYR B 262 18.20 -8.52 -7.14
N ARG B 263 17.48 -9.48 -7.70
CA ARG B 263 16.80 -9.32 -8.97
C ARG B 263 15.28 -9.31 -8.78
N LEU B 264 14.60 -8.32 -9.35
CA LEU B 264 13.14 -8.34 -9.45
C LEU B 264 12.73 -8.45 -10.91
N PRO B 265 12.33 -9.65 -11.33
CA PRO B 265 11.79 -9.77 -12.68
C PRO B 265 10.47 -9.04 -12.75
N LEU B 266 10.34 -8.18 -13.75
CA LEU B 266 9.08 -7.51 -14.01
C LEU B 266 8.17 -8.47 -14.77
N PRO B 267 6.92 -8.06 -14.96
CA PRO B 267 5.97 -9.04 -15.50
C PRO B 267 6.31 -9.51 -16.90
N ASP B 268 5.81 -10.70 -17.25
CA ASP B 268 6.08 -11.30 -18.55
C ASP B 268 5.68 -10.39 -19.69
N LYS B 269 4.66 -9.57 -19.47
CA LYS B 269 4.33 -8.45 -20.37
C LYS B 269 4.33 -7.16 -19.59
N ILE B 270 4.92 -6.12 -20.15
CA ILE B 270 4.82 -4.78 -19.57
C ILE B 270 3.76 -4.08 -20.42
N LEU B 271 2.63 -3.75 -19.83
CA LEU B 271 1.50 -3.19 -20.61
C LEU B 271 1.46 -1.68 -20.56
N ARG B 272 1.15 -1.05 -21.70
CA ARG B 272 1.12 0.40 -21.75
C ARG B 272 0.02 0.90 -20.81
N ASN B 273 0.33 2.03 -20.18
CA ASN B 273 -0.55 2.71 -19.25
C ASN B 273 -0.88 1.88 -18.03
N HIS B 274 0.05 0.97 -17.67
CA HIS B 274 -0.05 0.27 -16.41
C HIS B 274 1.05 0.77 -15.48
N TRP B 275 0.71 0.74 -14.21
CA TRP B 275 1.55 1.22 -13.13
C TRP B 275 1.74 0.04 -12.17
N TYR B 276 2.96 -0.47 -12.11
CA TYR B 276 3.28 -1.68 -11.36
C TYR B 276 4.00 -1.24 -10.09
N LYS B 277 3.32 -1.39 -8.97
CA LYS B 277 3.84 -0.96 -7.68
C LYS B 277 4.21 -2.21 -6.90
N TYR B 278 5.45 -2.25 -6.41
CA TYR B 278 5.93 -3.37 -5.61
C TYR B 278 6.28 -2.92 -4.22
N GLU B 279 5.85 -3.70 -3.24
CA GLU B 279 6.36 -3.62 -1.87
C GLU B 279 7.35 -4.74 -1.71
N VAL B 280 8.61 -4.36 -1.61
CA VAL B 280 9.71 -5.29 -1.62
C VAL B 280 10.33 -5.34 -0.24
N GLU B 281 10.49 -6.55 0.29
CA GLU B 281 11.16 -6.79 1.56
C GLU B 281 12.46 -7.53 1.30
N ILE B 282 13.58 -6.88 1.61
CA ILE B 282 14.92 -7.47 1.48
C ILE B 282 15.68 -7.29 2.78
N ARG C 33 -28.68 4.62 -6.91
CA ARG C 33 -27.24 4.81 -7.10
C ARG C 33 -26.46 3.83 -6.22
N SER C 34 -25.14 3.79 -6.41
CA SER C 34 -24.25 2.89 -5.70
C SER C 34 -24.04 3.32 -4.24
N ILE C 35 -24.01 2.35 -3.34
CA ILE C 35 -23.90 2.65 -1.91
C ILE C 35 -22.45 2.87 -1.46
N GLU C 36 -22.32 3.54 -0.32
CA GLU C 36 -21.03 3.90 0.24
C GLU C 36 -21.07 3.65 1.73
N ILE C 37 -19.92 3.26 2.28
CA ILE C 37 -19.83 2.94 3.69
C ILE C 37 -18.56 3.59 4.22
N SER C 38 -18.71 4.50 5.16
CA SER C 38 -17.57 5.14 5.81
C SER C 38 -17.23 4.44 7.13
N ILE C 39 -15.95 4.41 7.44
CA ILE C 39 -15.47 3.73 8.64
C ILE C 39 -14.70 4.73 9.48
N ARG C 40 -14.67 4.48 10.78
CA ARG C 40 -13.81 5.21 11.68
C ARG C 40 -13.16 4.22 12.61
N VAL C 41 -11.87 4.43 12.85
CA VAL C 41 -11.15 3.63 13.83
C VAL C 41 -11.44 4.17 15.20
N ASP C 42 -12.04 3.32 16.05
CA ASP C 42 -12.48 3.75 17.37
C ASP C 42 -11.28 3.85 18.34
N ASP C 43 -11.16 4.94 19.08
CA ASP C 43 -10.03 5.12 20.00
C ASP C 43 -9.98 4.05 21.10
N PHE C 44 -8.76 3.73 21.55
CA PHE C 44 -8.60 2.91 22.75
C PHE C 44 -9.42 3.50 23.87
N THR C 45 -9.89 2.64 24.76
CA THR C 45 -10.34 3.07 26.07
C THR C 45 -9.15 2.87 27.00
N LYS C 46 -8.58 3.97 27.48
CA LYS C 46 -7.36 3.94 28.29
C LYS C 46 -7.65 4.17 29.77
N THR C 47 -7.17 3.27 30.63
CA THR C 47 -7.32 3.41 32.07
C THR C 47 -5.96 3.27 32.75
N GLY C 48 -5.74 4.07 33.79
CA GLY C 48 -4.48 4.06 34.50
C GLY C 48 -4.69 3.64 35.93
N GLU C 49 -3.66 3.02 36.50
CA GLU C 49 -3.70 2.63 37.89
C GLU C 49 -2.28 2.74 38.47
N THR C 50 -2.19 3.01 39.77
CA THR C 50 -0.91 3.08 40.46
C THR C 50 -0.85 2.00 41.55
N VAL C 51 0.18 1.16 41.48
CA VAL C 51 0.33 0.05 42.39
C VAL C 51 1.65 0.14 43.17
N ARG C 52 1.62 -0.28 44.43
CA ARG C 52 2.82 -0.33 45.27
C ARG C 52 2.98 -1.74 45.84
N TYR C 53 4.12 -2.35 45.56
CA TYR C 53 4.43 -3.67 46.09
C TYR C 53 5.62 -3.58 47.03
N ARG D 2 -9.67 7.43 27.02
CA ARG D 2 -9.83 7.66 25.58
C ARG D 2 -8.53 8.12 24.93
N ASN D 3 -8.06 7.37 23.94
CA ASN D 3 -6.77 7.64 23.28
C ASN D 3 -6.69 7.13 21.84
N GLN D 4 -6.27 8.00 20.94
CA GLN D 4 -6.20 7.71 19.51
C GLN D 4 -5.11 6.70 19.14
N GLY D 5 -4.12 6.55 20.02
CA GLY D 5 -3.05 5.61 19.75
C GLY D 5 -2.18 6.10 18.62
N SER D 6 -1.36 5.20 18.08
CA SER D 6 -0.38 5.53 17.06
C SER D 6 -0.89 5.26 15.66
N ALA D 7 -0.09 5.65 14.68
CA ALA D 7 -0.41 5.43 13.27
C ALA D 7 -0.47 3.95 12.95
N ALA D 8 0.50 3.20 13.47
CA ALA D 8 0.54 1.77 13.24
C ALA D 8 -0.67 1.08 13.87
N GLU D 9 -1.17 1.65 14.96
CA GLU D 9 -2.29 1.03 15.67
C GLU D 9 -3.61 1.26 14.95
N ARG D 10 -3.66 2.33 14.15
CA ARG D 10 -4.85 2.66 13.34
C ARG D 10 -4.80 2.19 11.89
N LEU D 11 -3.64 1.68 11.47
CA LEU D 11 -3.43 1.28 10.09
C LEU D 11 -4.46 0.28 9.54
N ILE D 12 -4.98 0.58 8.35
CA ILE D 12 -5.86 -0.35 7.65
C ILE D 12 -5.21 -0.74 6.32
N THR D 13 -5.05 -2.04 6.13
CA THR D 13 -4.42 -2.61 4.94
C THR D 13 -5.39 -3.35 4.03
N ASN D 14 -6.52 -3.80 4.59
CA ASN D 14 -7.59 -4.38 3.79
C ASN D 14 -8.90 -4.36 4.58
N LEU D 15 -10.00 -4.63 3.89
CA LEU D 15 -11.31 -4.60 4.52
C LEU D 15 -12.13 -5.75 3.99
N TYR D 16 -12.97 -6.31 4.86
CA TYR D 16 -13.94 -7.32 4.47
C TYR D 16 -15.30 -6.87 4.99
N LEU D 17 -16.25 -6.71 4.07
CA LEU D 17 -17.58 -6.19 4.41
C LEU D 17 -18.60 -7.30 4.24
N LEU D 18 -19.48 -7.39 5.21
CA LEU D 18 -20.58 -8.34 5.21
C LEU D 18 -21.87 -7.60 5.47
N LEU D 19 -22.72 -7.56 4.47
CA LEU D 19 -23.99 -6.88 4.57
C LEU D 19 -25.13 -7.90 4.69
N PHE D 20 -25.51 -8.20 5.92
CA PHE D 20 -26.59 -9.15 6.18
C PHE D 20 -27.95 -8.49 5.95
N ASP D 21 -28.96 -9.29 5.60
CA ASP D 21 -30.32 -8.78 5.51
C ASP D 21 -30.89 -8.57 6.91
N GLN D 22 -32.13 -8.10 7.00
CA GLN D 22 -32.69 -7.69 8.29
C GLN D 22 -32.80 -8.87 9.26
N SER D 23 -32.84 -10.09 8.74
CA SER D 23 -32.85 -11.29 9.59
C SER D 23 -31.43 -11.78 9.92
N GLY D 24 -30.42 -11.02 9.51
CA GLY D 24 -29.03 -11.37 9.82
C GLY D 24 -28.47 -12.51 8.97
N ALA D 25 -29.01 -12.68 7.77
CA ALA D 25 -28.59 -13.76 6.89
C ALA D 25 -28.31 -13.29 5.46
N ASN D 26 -27.94 -14.23 4.60
CA ASN D 26 -27.70 -13.93 3.18
C ASN D 26 -26.76 -12.76 2.98
N PRO D 27 -25.60 -12.79 3.65
CA PRO D 27 -24.76 -11.59 3.59
C PRO D 27 -24.12 -11.37 2.21
N ALA D 28 -24.12 -10.11 1.76
CA ALA D 28 -23.38 -9.72 0.58
C ALA D 28 -21.96 -9.41 1.03
N LYS D 29 -21.00 -10.10 0.44
CA LYS D 29 -19.61 -10.03 0.89
C LYS D 29 -18.75 -9.24 -0.08
N TYR D 30 -17.87 -8.42 0.47
CA TYR D 30 -16.94 -7.64 -0.33
C TYR D 30 -15.57 -7.61 0.31
N TYR D 31 -14.57 -8.08 -0.42
CA TYR D 31 -13.18 -8.03 0.04
C TYR D 31 -12.44 -6.97 -0.73
N ILE D 32 -11.92 -5.99 0.00
CA ILE D 32 -11.11 -4.93 -0.58
C ILE D 32 -9.66 -4.98 -0.09
N ALA D 33 -8.73 -5.23 -1.01
CA ALA D 33 -7.29 -5.20 -0.69
C ALA D 33 -6.55 -4.25 -1.62
N SER D 38 -10.31 -5.20 -6.81
CA SER D 38 -10.90 -5.98 -5.74
C SER D 38 -12.40 -5.68 -5.67
N GLY D 39 -12.98 -5.89 -4.49
CA GLY D 39 -14.44 -5.88 -4.35
C GLY D 39 -15.12 -4.52 -4.35
N GLY D 40 -14.33 -3.45 -4.34
CA GLY D 40 -14.87 -2.10 -4.32
C GLY D 40 -13.76 -1.07 -4.29
N ILE D 41 -14.13 0.20 -4.29
CA ILE D 41 -13.16 1.28 -4.25
C ILE D 41 -12.90 1.74 -2.83
N TRP D 42 -11.62 1.92 -2.52
CA TRP D 42 -11.21 2.44 -1.21
C TRP D 42 -10.74 3.87 -1.37
N LEU D 43 -11.25 4.74 -0.51
CA LEU D 43 -10.83 6.14 -0.47
C LEU D 43 -10.22 6.44 0.90
N PRO D 44 -8.87 6.44 0.99
CA PRO D 44 -8.18 6.62 2.28
C PRO D 44 -8.52 7.92 3.00
N ASP D 45 -8.65 9.02 2.26
CA ASP D 45 -8.89 10.31 2.90
C ASP D 45 -10.27 10.39 3.52
N ASP D 46 -11.29 9.98 2.76
CA ASP D 46 -12.67 10.00 3.25
C ASP D 46 -12.98 8.79 4.11
N LYS D 48 -13.70 5.80 3.25
CA LYS D 48 -14.97 5.37 2.69
C LYS D 48 -14.81 4.30 1.60
N VAL D 49 -15.68 3.29 1.64
CA VAL D 49 -15.74 2.23 0.64
C VAL D 49 -16.90 2.52 -0.29
N LYS D 50 -16.68 2.34 -1.59
CA LYS D 50 -17.75 2.45 -2.57
C LYS D 50 -18.00 1.10 -3.23
N LEU D 51 -19.24 0.62 -3.12
CA LEU D 51 -19.61 -0.68 -3.66
C LEU D 51 -20.46 -0.50 -4.89
N ASP D 52 -20.54 -1.52 -5.74
CA ASP D 52 -21.36 -1.41 -6.94
C ASP D 52 -22.79 -1.90 -6.67
N THR D 54 -26.56 -1.38 -5.50
CA THR D 54 -27.46 -0.23 -5.51
C THR D 54 -28.28 -0.11 -4.20
N GLN D 55 -28.81 1.09 -3.97
CA GLN D 55 -29.64 1.32 -2.78
C GLN D 55 -30.81 0.35 -2.72
N SER D 56 -31.44 0.09 -3.86
CA SER D 56 -32.61 -0.79 -3.89
C SER D 56 -32.20 -2.23 -3.63
N GLU D 57 -31.05 -2.61 -4.18
CA GLU D 57 -30.53 -3.95 -3.96
C GLU D 57 -30.12 -4.08 -2.48
N ALA D 58 -29.66 -3.00 -1.90
CA ALA D 58 -29.14 -3.06 -0.53
C ALA D 58 -30.27 -3.13 0.49
N GLY D 59 -31.22 -2.20 0.40
CA GLY D 59 -32.30 -2.12 1.38
C GLY D 59 -31.72 -1.79 2.73
N GLU D 60 -32.35 -2.31 3.79
CA GLU D 60 -31.81 -2.23 5.13
C GLU D 60 -30.87 -3.42 5.39
N ARG D 61 -29.66 -3.11 5.83
CA ARG D 61 -28.65 -4.13 6.10
C ARG D 61 -28.06 -3.94 7.47
N LYS D 62 -27.66 -5.04 8.11
CA LYS D 62 -26.76 -4.95 9.25
C LYS D 62 -25.37 -5.17 8.68
N VAL D 63 -24.60 -4.10 8.74
CA VAL D 63 -23.35 -4.01 8.04
C VAL D 63 -22.19 -4.27 9.00
N TYR D 64 -21.50 -5.37 8.79
CA TYR D 64 -20.26 -5.67 9.50
C TYR D 64 -19.07 -5.34 8.62
N VAL D 65 -18.04 -4.74 9.22
CA VAL D 65 -16.79 -4.48 8.55
C VAL D 65 -15.66 -5.08 9.38
N VAL D 66 -14.79 -5.84 8.74
CA VAL D 66 -13.58 -6.35 9.39
C VAL D 66 -12.39 -5.75 8.69
N ALA D 67 -11.37 -5.34 9.45
CA ALA D 67 -10.17 -4.76 8.87
C ALA D 67 -8.99 -5.64 9.19
N ASN D 68 -8.07 -5.76 8.23
CA ASN D 68 -6.78 -6.42 8.42
C ASN D 68 -6.88 -7.90 8.65
N VAL D 69 -7.63 -8.54 7.77
CA VAL D 69 -7.75 -9.99 7.76
C VAL D 69 -6.52 -10.58 7.10
N ASP D 70 -6.26 -11.84 7.39
CA ASP D 70 -5.25 -12.63 6.70
C ASP D 70 -5.98 -13.71 5.93
N ASN D 71 -5.23 -14.60 5.30
CA ASN D 71 -5.88 -15.51 4.40
C ASN D 71 -6.77 -16.48 5.14
N ALA D 72 -6.34 -16.89 6.31
CA ALA D 72 -7.11 -17.84 7.12
C ALA D 72 -8.43 -17.23 7.60
N VAL D 73 -8.37 -15.99 8.08
CA VAL D 73 -9.57 -15.32 8.55
C VAL D 73 -10.49 -15.02 7.36
N LYS D 74 -9.91 -14.53 6.27
CA LYS D 74 -10.72 -14.24 5.07
C LYS D 74 -11.51 -15.45 4.59
N THR D 75 -10.87 -16.61 4.53
CA THR D 75 -11.54 -17.76 3.98
C THR D 75 -12.63 -18.21 4.93
N ALA D 76 -12.47 -17.98 6.22
CA ALA D 76 -13.52 -18.30 7.17
C ALA D 76 -14.69 -17.34 7.00
N LEU D 77 -14.38 -16.08 6.74
CA LEU D 77 -15.45 -15.13 6.46
C LEU D 77 -16.17 -15.50 5.15
N ASP D 78 -15.45 -16.01 4.16
CA ASP D 78 -16.05 -16.41 2.88
C ASP D 78 -17.13 -17.50 3.09
N ALA D 79 -17.07 -18.20 4.21
CA ALA D 79 -18.01 -19.28 4.50
C ALA D 79 -19.17 -18.84 5.39
N VAL D 80 -19.09 -17.63 5.93
CA VAL D 80 -20.11 -17.15 6.87
C VAL D 80 -21.46 -17.02 6.18
N ALA D 81 -22.52 -17.50 6.83
CA ALA D 81 -23.88 -17.47 6.26
C ALA D 81 -24.84 -16.60 7.08
N ASN D 82 -24.52 -16.38 8.35
CA ASN D 82 -25.30 -15.47 9.17
C ASN D 82 -24.47 -14.91 10.31
N GLU D 83 -25.04 -13.92 10.98
CA GLU D 83 -24.40 -13.20 12.07
C GLU D 83 -23.70 -14.12 13.07
N SER D 84 -24.39 -15.18 13.48
CA SER D 84 -23.88 -16.03 14.54
C SER D 84 -22.52 -16.62 14.18
N ASP D 85 -22.29 -16.86 12.89
CA ASP D 85 -21.04 -17.47 12.44
C ASP D 85 -19.82 -16.58 12.68
N LEU D 86 -20.01 -15.26 12.78
CA LEU D 86 -18.89 -14.34 12.98
C LEU D 86 -18.21 -14.55 14.32
N GLN D 87 -18.97 -15.00 15.29
CA GLN D 87 -18.44 -15.25 16.62
C GLN D 87 -17.73 -16.59 16.70
N THR D 88 -17.60 -17.26 15.56
CA THR D 88 -16.80 -18.48 15.48
C THR D 88 -15.52 -18.26 14.69
N VAL D 89 -15.40 -17.08 14.06
CA VAL D 89 -14.24 -16.79 13.21
C VAL D 89 -13.13 -16.20 14.08
N LYS D 90 -11.97 -16.86 14.10
CA LYS D 90 -10.86 -16.44 14.95
C LYS D 90 -9.50 -16.75 14.35
N ARG D 91 -8.52 -15.92 14.75
CA ARG D 91 -7.12 -16.17 14.46
C ARG D 91 -6.43 -16.73 15.70
N THR D 92 -5.73 -17.85 15.54
CA THR D 92 -4.98 -18.44 16.64
C THR D 92 -3.52 -18.02 16.56
N THR D 93 -2.96 -17.59 17.69
CA THR D 93 -1.56 -17.20 17.78
C THR D 93 -0.88 -18.02 18.89
N ALA D 94 0.19 -18.72 18.52
CA ALA D 94 0.88 -19.64 19.42
C ALA D 94 1.53 -18.92 20.60
N PRO D 96 0.67 -15.42 21.97
CA PRO D 96 -0.30 -14.35 21.82
C PRO D 96 0.02 -13.09 22.63
N TRP D 97 1.08 -12.41 22.24
CA TRP D 97 1.59 -11.23 22.93
C TRP D 97 2.59 -10.59 21.98
N SER D 98 3.08 -9.41 22.31
CA SER D 98 4.06 -8.76 21.43
C SER D 98 5.33 -9.61 21.30
N THR D 99 5.91 -9.71 20.10
CA THR D 99 5.49 -8.96 18.89
C THR D 99 4.76 -9.81 17.86
N ASP D 100 4.39 -11.02 18.22
CA ASP D 100 3.59 -11.86 17.33
C ASP D 100 2.21 -11.24 17.07
N ILE D 101 1.69 -10.53 18.06
CA ILE D 101 0.54 -9.67 17.84
C ILE D 101 1.11 -8.28 17.57
N ALA D 102 0.94 -7.80 16.35
CA ALA D 102 1.53 -6.53 15.96
C ALA D 102 0.71 -5.90 14.85
N SER D 103 1.01 -4.65 14.53
CA SER D 103 0.30 -3.98 13.44
C SER D 103 0.52 -4.73 12.13
N PRO D 104 -0.49 -4.77 11.25
CA PRO D 104 -1.85 -4.24 11.36
C PRO D 104 -2.77 -5.13 12.20
N PHE D 105 -3.57 -4.50 13.06
CA PHE D 105 -4.44 -5.23 13.96
C PHE D 105 -5.81 -5.52 13.39
N LEU D 106 -6.29 -6.73 13.64
CA LEU D 106 -7.65 -7.10 13.31
C LEU D 106 -8.62 -6.17 14.02
N SER D 108 -13.07 -4.99 14.03
CA SER D 108 -14.42 -5.17 13.50
C SER D 108 -15.39 -4.16 14.08
N GLY D 109 -16.54 -4.05 13.44
CA GLY D 109 -17.56 -3.16 13.93
C GLY D 109 -18.78 -3.35 13.07
N ASN D 110 -19.90 -2.86 13.53
CA ASN D 110 -21.11 -3.02 12.73
C ASN D 110 -22.04 -1.84 12.89
N LYS D 111 -22.96 -1.70 11.93
CA LYS D 111 -24.04 -0.76 12.08
C LYS D 111 -25.16 -1.18 11.16
N THR D 112 -26.39 -1.08 11.66
CA THR D 112 -27.57 -1.33 10.86
C THR D 112 -27.92 -0.03 10.15
N HIS D 113 -28.18 -0.12 8.85
CA HIS D 113 -28.43 1.06 8.06
C HIS D 113 -29.39 0.80 6.90
N ASP D 114 -30.37 1.69 6.74
CA ASP D 114 -31.33 1.61 5.64
C ASP D 114 -30.83 2.37 4.41
N PHE D 115 -30.32 1.65 3.42
CA PHE D 115 -29.70 2.29 2.27
C PHE D 115 -30.70 2.90 1.31
N LEU D 116 -31.97 2.62 1.51
CA LEU D 116 -33.02 3.29 0.77
C LEU D 116 -33.11 4.74 1.25
N ALA D 117 -33.01 4.90 2.57
CA ALA D 117 -33.09 6.22 3.19
C ALA D 117 -31.85 7.05 2.85
N ASN D 118 -30.70 6.42 2.80
CA ASN D 118 -29.47 7.12 2.49
C ASN D 118 -28.41 6.18 1.94
N ARG D 119 -27.95 6.46 0.72
CA ARG D 119 -27.00 5.57 0.05
C ARG D 119 -25.70 5.48 0.83
N LEU D 120 -25.46 6.44 1.74
CA LEU D 120 -24.24 6.45 2.53
C LEU D 120 -24.47 6.00 3.98
N LEU D 121 -23.71 5.00 4.40
CA LEU D 121 -23.62 4.61 5.81
C LEU D 121 -22.39 5.26 6.41
N ASP D 122 -22.60 6.21 7.32
CA ASP D 122 -21.51 7.07 7.77
C ASP D 122 -20.86 6.56 9.07
N ASN D 123 -19.60 6.21 8.95
CA ASN D 123 -18.72 5.96 10.09
C ASN D 123 -19.16 4.78 10.97
N VAL D 124 -19.13 3.58 10.38
CA VAL D 124 -19.16 2.34 11.13
C VAL D 124 -17.94 2.30 12.06
N PRO D 125 -18.15 2.30 13.39
CA PRO D 125 -16.98 2.30 14.26
C PRO D 125 -16.19 0.99 14.21
N LEU D 126 -14.92 1.06 13.82
CA LEU D 126 -14.04 -0.11 13.81
C LEU D 126 -13.28 -0.26 15.12
N VAL D 127 -13.52 -1.38 15.81
CA VAL D 127 -12.95 -1.65 17.13
C VAL D 127 -11.87 -2.73 17.07
N ARG D 128 -10.62 -2.40 17.40
CA ARG D 128 -9.56 -3.40 17.46
C ARG D 128 -9.99 -4.59 18.33
N ALA D 129 -9.55 -5.79 17.96
CA ALA D 129 -9.97 -7.02 18.65
C ALA D 129 -9.01 -7.40 19.76
N ILE D 130 -7.90 -6.67 19.82
CA ILE D 130 -6.89 -6.93 20.85
C ILE D 130 -6.85 -5.79 21.82
N ALA D 131 -6.15 -6.01 22.93
CA ALA D 131 -5.97 -5.00 23.96
C ALA D 131 -4.48 -4.73 24.17
N LYS D 132 -4.18 -3.81 25.06
CA LYS D 132 -2.83 -3.34 25.26
C LYS D 132 -2.58 -3.20 26.74
N VAL D 133 -1.40 -3.64 27.16
CA VAL D 133 -1.00 -3.55 28.53
C VAL D 133 0.34 -2.82 28.59
N GLU D 134 0.42 -1.85 29.49
CA GLU D 134 1.59 -1.00 29.64
C GLU D 134 1.97 -1.00 31.11
N LEU D 135 3.19 -1.46 31.41
CA LEU D 135 3.64 -1.57 32.78
C LEU D 135 4.94 -0.81 32.95
N ASN D 136 4.87 0.28 33.72
CA ASN D 136 6.04 1.12 34.00
C ASN D 136 6.46 0.92 35.44
N ILE D 137 7.62 0.29 35.62
CA ILE D 137 8.09 -0.06 36.96
C ILE D 137 9.22 0.87 37.33
N SER D 138 9.06 1.61 38.41
CA SER D 138 10.13 2.43 38.94
C SER D 138 10.72 1.67 40.13
N LEU D 139 12.05 1.53 40.13
CA LEU D 139 12.73 0.69 41.11
C LEU D 139 13.29 1.50 42.26
N SER D 140 12.92 1.12 43.47
CA SER D 140 13.53 1.71 44.65
C SER D 140 14.96 1.19 44.79
N GLU D 141 15.75 1.82 45.65
CA GLU D 141 17.20 1.59 45.69
C GLU D 141 17.54 0.12 45.89
N LYS D 142 16.64 -0.61 46.53
CA LYS D 142 16.91 -2.00 46.89
C LYS D 142 17.12 -2.89 45.66
N PHE D 143 16.53 -2.49 44.55
CA PHE D 143 16.63 -3.29 43.33
C PHE D 143 17.52 -2.62 42.29
N GLN D 144 18.00 -1.43 42.61
CA GLN D 144 18.86 -0.68 41.70
C GLN D 144 20.28 -1.25 41.71
N ILE D 145 20.52 -2.24 40.86
CA ILE D 145 21.84 -2.84 40.74
C ILE D 145 22.49 -2.46 39.44
N VAL D 146 23.82 -2.53 39.39
CA VAL D 146 24.53 -2.41 38.14
C VAL D 146 24.31 -3.71 37.37
N PRO D 147 23.60 -3.64 36.24
CA PRO D 147 23.16 -4.87 35.57
C PRO D 147 24.20 -5.54 34.68
N ILE D 148 24.12 -6.87 34.60
CA ILE D 148 24.78 -7.62 33.53
C ILE D 148 23.97 -7.39 32.25
N ILE D 149 24.62 -6.84 31.23
CA ILE D 149 23.94 -6.57 29.96
C ILE D 149 24.59 -7.33 28.81
N VAL D 150 23.79 -8.08 28.06
CA VAL D 150 24.27 -8.85 26.91
C VAL D 150 23.50 -8.47 25.65
N ASN D 151 24.12 -7.63 24.83
CA ASN D 151 23.47 -7.08 23.65
C ASN D 151 22.16 -6.39 24.02
N GLY D 152 22.26 -5.40 24.91
CA GLY D 152 21.12 -4.58 25.27
C GLY D 152 20.19 -5.19 26.29
N SER D 153 20.18 -6.52 26.38
CA SER D 153 19.28 -7.23 27.28
C SER D 153 19.82 -7.35 28.72
N LEU D 154 18.92 -7.24 29.70
CA LEU D 154 19.29 -7.39 31.11
C LEU D 154 19.17 -8.84 31.57
N SER D 155 20.32 -9.46 31.83
CA SER D 155 20.38 -10.88 32.15
C SER D 155 19.67 -11.26 33.45
N GLU D 156 19.60 -10.31 34.38
CA GLU D 156 19.14 -10.59 35.75
C GLU D 156 17.69 -10.16 36.03
N PHE D 157 17.10 -9.40 35.11
CA PHE D 157 15.71 -8.96 35.21
C PHE D 157 14.86 -9.73 34.20
N LYS D 158 13.88 -10.49 34.69
CA LYS D 158 13.11 -11.38 33.83
C LYS D 158 11.60 -11.20 34.00
N PHE D 159 10.84 -11.63 32.99
CA PHE D 159 9.39 -11.60 33.08
C PHE D 159 8.78 -12.79 32.38
N ARG D 160 7.51 -13.03 32.69
CA ARG D 160 6.71 -13.93 31.90
C ARG D 160 5.25 -13.52 31.90
N TYR D 161 4.59 -13.85 30.81
CA TYR D 161 3.15 -13.71 30.68
C TYR D 161 2.49 -15.00 31.11
N VAL D 162 1.51 -14.88 31.99
CA VAL D 162 0.78 -16.04 32.50
C VAL D 162 -0.67 -16.01 32.06
N ASN D 163 -1.12 -17.13 31.49
CA ASN D 163 -2.51 -17.34 31.10
C ASN D 163 -3.08 -16.27 30.15
N PHE D 164 -2.33 -15.99 29.10
CA PHE D 164 -2.83 -15.21 27.95
C PHE D 164 -3.61 -16.10 26.98
N ASP D 165 -4.67 -15.55 26.41
CA ASP D 165 -5.48 -16.32 25.48
C ASP D 165 -4.92 -16.26 24.06
N LYS D 166 -4.99 -17.39 23.35
CA LYS D 166 -4.36 -17.55 22.05
C LYS D 166 -5.24 -17.09 20.88
N GLU D 167 -6.50 -16.77 21.15
CA GLU D 167 -7.47 -16.55 20.08
C GLU D 167 -7.85 -15.09 19.95
N THR D 168 -7.91 -14.61 18.70
CA THR D 168 -8.48 -13.31 18.37
C THR D 168 -9.76 -13.58 17.57
N TYR D 169 -10.90 -13.43 18.22
CA TYR D 169 -12.20 -13.58 17.55
C TYR D 169 -12.53 -12.30 16.81
N VAL D 170 -13.09 -12.44 15.61
CA VAL D 170 -13.49 -11.26 14.85
C VAL D 170 -14.56 -10.49 15.60
N VAL D 171 -15.57 -11.24 16.07
CA VAL D 171 -16.60 -10.70 16.95
C VAL D 171 -16.55 -11.54 18.19
N LYS D 172 -16.53 -10.87 19.33
CA LYS D 172 -16.42 -11.54 20.62
C LYS D 172 -17.65 -12.42 20.84
N PRO D 173 -17.43 -13.71 21.16
CA PRO D 173 -18.59 -14.54 21.53
C PRO D 173 -19.19 -13.99 22.82
N THR D 174 -20.50 -14.13 23.04
CA THR D 174 -21.12 -13.56 24.23
C THR D 174 -20.33 -13.93 25.49
N THR D 175 -19.94 -15.20 25.58
CA THR D 175 -19.00 -15.66 26.59
C THR D 175 -17.81 -16.32 25.90
N LYS D 176 -16.66 -15.66 25.89
CA LYS D 176 -15.53 -16.17 25.15
C LYS D 176 -14.88 -17.32 25.92
N PRO D 177 -14.69 -18.47 25.26
CA PRO D 177 -14.03 -19.56 25.97
C PRO D 177 -12.52 -19.37 26.09
N ASP D 178 -11.88 -20.27 26.82
CA ASP D 178 -10.46 -20.17 27.07
C ASP D 178 -9.65 -21.06 26.15
N ASN D 179 -8.53 -20.51 25.69
CA ASN D 179 -7.46 -21.30 25.12
C ASN D 179 -6.15 -20.65 25.54
N LEU D 180 -5.62 -21.05 26.68
CA LEU D 180 -4.60 -20.27 27.36
C LEU D 180 -3.19 -20.85 27.21
N ILE D 181 -2.20 -19.97 27.29
CA ILE D 181 -0.80 -20.37 27.29
C ILE D 181 0.00 -19.31 28.06
N SER D 182 1.13 -19.72 28.62
CA SER D 182 2.04 -18.82 29.31
C SER D 182 3.38 -18.82 28.57
N SER D 183 4.16 -17.77 28.74
CA SER D 183 5.37 -17.61 27.95
C SER D 183 6.55 -18.38 28.55
N ALA D 184 6.37 -18.91 29.76
CA ALA D 184 7.41 -19.68 30.41
C ALA D 184 6.77 -20.53 31.50
N ASN D 185 7.47 -21.57 31.96
CA ASN D 185 6.88 -22.52 32.91
C ASN D 185 7.82 -22.86 34.06
N GLY D 186 8.90 -22.10 34.19
CA GLY D 186 9.80 -22.25 35.33
C GLY D 186 9.07 -22.00 36.63
N VAL D 187 8.99 -23.02 37.49
CA VAL D 187 8.38 -22.86 38.81
C VAL D 187 9.30 -21.99 39.68
N TRP D 188 8.74 -20.94 40.27
CA TRP D 188 9.54 -20.02 41.07
C TRP D 188 10.21 -20.78 42.23
N PRO D 189 11.50 -20.51 42.51
CA PRO D 189 12.39 -19.51 41.90
C PRO D 189 13.25 -20.06 40.76
N GLN D 190 12.84 -21.17 40.16
CA GLN D 190 13.53 -21.70 38.98
C GLN D 190 12.95 -20.99 37.75
N ILE D 191 13.67 -19.98 37.24
CA ILE D 191 13.11 -19.10 36.21
C ILE D 191 14.01 -19.07 34.98
N THR D 192 14.63 -20.21 34.68
CA THR D 192 15.62 -20.29 33.61
C THR D 192 15.05 -19.87 32.26
N ASP D 193 13.82 -20.30 31.98
CA ASP D 193 13.20 -20.08 30.68
C ASP D 193 12.39 -18.79 30.59
N TRP D 194 12.31 -18.03 31.69
CA TRP D 194 11.65 -16.73 31.67
C TRP D 194 12.42 -15.80 30.75
N THR D 195 11.76 -14.75 30.28
CA THR D 195 12.33 -13.87 29.26
C THR D 195 13.17 -12.76 29.87
N VAL D 196 14.38 -12.57 29.35
CA VAL D 196 15.26 -11.50 29.81
C VAL D 196 14.74 -10.15 29.37
N TRP D 197 14.99 -9.12 30.16
CA TRP D 197 14.52 -7.78 29.84
C TRP D 197 15.26 -7.19 28.66
N GLY D 198 14.51 -6.73 27.66
CA GLY D 198 15.10 -6.21 26.43
C GLY D 198 15.19 -4.70 26.42
N ALA D 199 15.58 -4.14 25.26
CA ALA D 199 15.85 -2.72 25.14
C ALA D 199 15.15 -2.10 23.94
N SER D 200 14.16 -2.80 23.38
CA SER D 200 13.53 -2.34 22.15
C SER D 200 12.83 -0.98 22.36
N LEU D 201 12.41 -0.70 23.58
CA LEU D 201 11.74 0.57 23.87
C LEU D 201 12.71 1.72 24.12
N ASN D 202 14.01 1.42 24.13
CA ASN D 202 15.03 2.43 24.42
C ASN D 202 15.53 3.18 23.19
N THR D 203 14.82 3.03 22.07
CA THR D 203 15.30 3.56 20.80
C THR D 203 14.72 4.95 20.53
N SER D 204 15.05 5.50 19.36
CA SER D 204 14.92 6.94 19.12
C SER D 204 13.47 7.46 19.17
N PRO D 205 12.56 6.97 18.29
CA PRO D 205 11.19 7.44 18.48
C PRO D 205 10.39 6.46 19.34
N ALA D 206 11.01 5.32 19.68
CA ALA D 206 10.42 4.29 20.53
C ALA D 206 9.24 3.59 19.86
N PRO D 207 9.33 2.26 19.68
CA PRO D 207 8.19 1.52 19.12
C PRO D 207 6.99 1.48 20.06
N ASP D 208 5.85 0.99 19.56
CA ASP D 208 4.63 0.98 20.33
C ASP D 208 4.65 -0.08 21.42
N ALA D 209 5.36 -1.19 21.16
CA ALA D 209 5.41 -2.33 22.07
C ALA D 209 6.84 -2.86 22.21
N GLY D 210 7.13 -3.52 23.33
CA GLY D 210 8.42 -4.11 23.58
C GLY D 210 8.79 -4.05 25.05
N THR D 211 10.10 -4.06 25.31
CA THR D 211 10.59 -3.90 26.67
C THR D 211 11.71 -2.89 26.67
N GLY D 212 11.91 -2.24 27.81
CA GLY D 212 12.98 -1.28 27.95
C GLY D 212 13.28 -1.04 29.40
N TYR D 213 14.25 -0.17 29.64
CA TYR D 213 14.71 0.09 30.98
C TYR D 213 15.45 1.41 30.97
N THR D 214 15.60 1.99 32.15
CA THR D 214 16.35 3.22 32.34
C THR D 214 17.62 2.94 33.14
N LEU D 215 18.77 3.31 32.57
CA LEU D 215 20.04 3.27 33.27
C LEU D 215 20.35 4.65 33.83
N ASP D 216 20.56 4.73 35.13
CA ASP D 216 21.02 5.95 35.75
C ASP D 216 22.41 6.26 35.24
N ALA D 217 22.87 7.49 35.47
CA ALA D 217 24.21 7.87 35.05
C ALA D 217 25.24 7.01 35.78
N ASN D 218 24.94 6.59 37.01
CA ASN D 218 25.88 5.79 37.80
C ASN D 218 25.92 4.32 37.39
N GLY D 219 25.13 3.95 36.38
CA GLY D 219 25.14 2.60 35.84
C GLY D 219 24.00 1.72 36.32
N LYS D 220 23.30 2.15 37.37
CA LYS D 220 22.26 1.32 37.96
C LYS D 220 20.94 1.42 37.19
N VAL D 221 20.26 0.28 37.10
CA VAL D 221 18.89 0.24 36.58
C VAL D 221 17.93 0.88 37.56
N THR D 222 17.14 1.86 37.09
CA THR D 222 16.24 2.61 37.97
C THR D 222 14.78 2.46 37.57
N ALA D 223 14.55 1.91 36.37
CA ALA D 223 13.18 1.69 35.88
C ALA D 223 13.16 0.61 34.82
N LEU D 224 12.00 -0.04 34.70
CA LEU D 224 11.74 -1.05 33.70
C LEU D 224 10.44 -0.70 33.03
N ARG D 225 10.30 -1.15 31.80
CA ARG D 225 9.12 -0.85 31.02
C ARG D 225 8.77 -2.07 30.20
N ILE D 226 7.48 -2.43 30.15
CA ILE D 226 7.06 -3.48 29.26
C ILE D 226 5.69 -3.10 28.71
N VAL D 227 5.56 -3.23 27.40
CA VAL D 227 4.34 -2.90 26.67
C VAL D 227 4.03 -4.05 25.72
N THR D 228 2.85 -4.64 25.88
CA THR D 228 2.46 -5.73 25.01
C THR D 228 1.00 -5.65 24.62
N TYR D 229 0.70 -6.10 23.41
CA TYR D 229 -0.68 -6.40 23.03
C TYR D 229 -1.03 -7.78 23.56
N LEU D 230 -2.33 -8.04 23.72
CA LEU D 230 -2.83 -9.35 24.11
C LEU D 230 -4.30 -9.48 23.74
N ASN D 231 -4.78 -10.70 23.74
CA ASN D 231 -6.16 -10.96 23.38
C ASN D 231 -7.12 -10.73 24.52
N GLU D 232 -8.37 -10.44 24.17
CA GLU D 232 -9.41 -10.26 25.17
C GLU D 232 -9.64 -11.56 25.94
N ARG D 233 -10.12 -11.43 27.17
CA ARG D 233 -10.53 -12.56 28.00
C ARG D 233 -11.76 -12.20 28.77
N ASP D 234 -12.73 -13.12 28.77
CA ASP D 234 -13.92 -13.00 29.61
C ASP D 234 -13.76 -13.72 30.93
N SER D 235 -12.59 -14.34 31.13
CA SER D 235 -12.31 -15.08 32.36
C SER D 235 -11.02 -14.61 33.01
N LYS D 236 -10.94 -14.80 34.33
CA LYS D 236 -9.86 -14.28 35.15
C LYS D 236 -8.58 -15.10 35.05
N GLY D 237 -7.43 -14.45 35.15
CA GLY D 237 -6.16 -15.16 35.25
C GLY D 237 -4.95 -14.50 34.61
N ALA D 238 -5.18 -13.69 33.58
CA ALA D 238 -4.08 -13.10 32.83
C ALA D 238 -3.22 -12.27 33.77
N THR D 239 -1.93 -12.53 33.72
CA THR D 239 -0.99 -11.99 34.70
C THR D 239 0.35 -11.77 34.04
N VAL D 240 1.07 -10.75 34.50
CA VAL D 240 2.46 -10.55 34.15
C VAL D 240 3.25 -10.77 35.42
N GLU D 241 4.27 -11.62 35.36
CA GLU D 241 5.14 -11.86 36.51
C GLU D 241 6.51 -11.28 36.18
N VAL D 242 7.12 -10.66 37.18
CA VAL D 242 8.47 -10.14 37.03
C VAL D 242 9.37 -10.68 38.13
N ALA D 243 10.59 -11.00 37.74
CA ALA D 243 11.64 -11.41 38.67
C ALA D 243 12.68 -10.32 38.76
N LEU D 244 12.85 -9.76 39.95
CA LEU D 244 13.78 -8.65 40.15
C LEU D 244 14.95 -9.09 41.01
N PRO D 245 16.18 -8.88 40.51
CA PRO D 245 17.36 -9.26 41.28
C PRO D 245 17.52 -8.34 42.47
N ARG D 246 18.08 -8.89 43.54
CA ARG D 246 18.05 -8.24 44.83
C ARG D 246 19.44 -8.11 45.42
N GLY D 258 18.55 -14.33 46.43
CA GLY D 258 18.06 -14.52 45.07
C GLY D 258 17.11 -13.42 44.64
N PRO D 259 16.54 -13.54 43.43
CA PRO D 259 15.58 -12.55 42.93
C PRO D 259 14.22 -12.68 43.60
N GLU D 260 13.40 -11.64 43.53
CA GLU D 260 12.09 -11.61 44.15
C GLU D 260 10.99 -11.55 43.08
N LEU D 261 9.92 -12.34 43.30
CA LEU D 261 8.79 -12.41 42.38
C LEU D 261 7.79 -11.31 42.66
N TYR D 262 7.40 -10.57 41.62
CA TYR D 262 6.27 -9.66 41.73
C TYR D 262 5.26 -10.07 40.67
N ARG D 263 4.05 -10.32 41.14
CA ARG D 263 2.96 -10.75 40.31
C ARG D 263 1.99 -9.59 40.12
N LEU D 264 1.77 -9.20 38.87
CA LEU D 264 0.77 -8.19 38.55
C LEU D 264 -0.42 -8.86 37.88
N PRO D 265 -1.49 -9.09 38.64
CA PRO D 265 -2.69 -9.61 38.00
C PRO D 265 -3.30 -8.56 37.07
N LEU D 266 -3.66 -8.97 35.86
CA LEU D 266 -4.40 -8.12 34.95
C LEU D 266 -5.88 -8.22 35.32
N PRO D 267 -6.74 -7.40 34.71
CA PRO D 267 -8.15 -7.40 35.14
C PRO D 267 -8.85 -8.74 34.94
N ASP D 268 -9.88 -8.99 35.75
CA ASP D 268 -10.64 -10.23 35.71
C ASP D 268 -11.23 -10.48 34.33
N LYS D 269 -11.44 -9.39 33.59
CA LYS D 269 -11.85 -9.47 32.19
C LYS D 269 -11.02 -8.45 31.40
N ILE D 270 -10.34 -8.93 30.37
CA ILE D 270 -9.55 -8.09 29.47
C ILE D 270 -10.43 -7.81 28.26
N LEU D 271 -10.68 -6.53 28.00
CA LEU D 271 -11.66 -6.14 26.99
C LEU D 271 -10.94 -5.64 25.76
N ARG D 272 -11.42 -6.02 24.59
CA ARG D 272 -10.81 -5.58 23.34
C ARG D 272 -10.79 -4.04 23.24
N ASN D 273 -9.75 -3.53 22.56
CA ASN D 273 -9.55 -2.10 22.37
C ASN D 273 -9.50 -1.32 23.67
N HIS D 274 -9.06 -1.98 24.74
CA HIS D 274 -8.75 -1.30 25.98
C HIS D 274 -7.23 -1.25 26.16
N TRP D 275 -6.76 -0.15 26.76
CA TRP D 275 -5.34 0.10 27.04
C TRP D 275 -5.19 0.24 28.55
N TYR D 276 -4.56 -0.75 29.16
CA TYR D 276 -4.40 -0.80 30.61
C TYR D 276 -2.98 -0.39 30.99
N LYS D 277 -2.87 0.76 31.63
CA LYS D 277 -1.59 1.32 32.04
C LYS D 277 -1.40 1.21 33.55
N TYR D 278 -0.23 0.73 33.93
CA TYR D 278 0.13 0.56 35.33
C TYR D 278 1.44 1.29 35.64
N GLU D 279 1.41 2.16 36.65
CA GLU D 279 2.63 2.77 37.17
C GLU D 279 2.93 2.12 38.51
N VAL D 280 3.94 1.25 38.50
CA VAL D 280 4.23 0.38 39.64
C VAL D 280 5.51 0.80 40.34
N GLU D 281 5.42 0.91 41.66
CA GLU D 281 6.57 1.19 42.50
C GLU D 281 6.97 -0.06 43.26
N ILE D 282 8.19 -0.51 43.02
CA ILE D 282 8.74 -1.68 43.69
C ILE D 282 10.08 -1.35 44.32
#